data_4LZA
#
_entry.id   4LZA
#
_cell.length_a   58.950
_cell.length_b   75.914
_cell.length_c   87.522
_cell.angle_alpha   90.000
_cell.angle_beta   90.000
_cell.angle_gamma   90.000
#
_symmetry.space_group_name_H-M   'P 21 21 21'
#
loop_
_entity.id
_entity.type
_entity.pdbx_description
1 polymer 'Adenine phosphoribosyltransferase'
2 non-polymer 'CHLORIDE ION'
3 water water
#
_entity_poly.entity_id   1
_entity_poly.type   'polypeptide(L)'
_entity_poly.pdbx_seq_one_letter_code
;(MSE)HHHHHHSSGVDLGTENLYFQS(MSE)TLEEIK(MSE)(MSE)IREIPDFPKKGIKFKDITPVLKDAKAFNYSIE
(MSE)LAKALEGRKFDLIAAPEARGFLFGAPLAYRLGVGFVPVRKPGKLPAETLSYEYELEYGTDSLEIHKDAVLEGQRV
VIVDDLLATGGTIYASAKLVESLGGIVDSIIFLTELTFLDGRKKLDGYDIISLIKF
;
_entity_poly.pdbx_strand_id   A,B
#
loop_
_chem_comp.id
_chem_comp.type
_chem_comp.name
_chem_comp.formula
CL non-polymer 'CHLORIDE ION' 'Cl -1'
#
# COMPACT_ATOMS: atom_id res chain seq x y z
N THR A 24 -6.94 -12.60 -21.35
CA THR A 24 -7.31 -11.50 -20.39
C THR A 24 -6.33 -11.36 -19.20
N LEU A 25 -5.89 -12.47 -18.59
CA LEU A 25 -4.65 -12.39 -17.80
C LEU A 25 -3.48 -12.13 -18.75
N GLU A 26 -3.62 -12.61 -20.00
CA GLU A 26 -2.63 -12.32 -21.05
C GLU A 26 -2.51 -10.83 -21.27
N GLU A 27 -3.63 -10.13 -21.15
CA GLU A 27 -3.66 -8.68 -21.26
C GLU A 27 -2.90 -8.01 -20.11
N ILE A 28 -3.19 -8.43 -18.87
CA ILE A 28 -2.47 -7.97 -17.67
C ILE A 28 -0.96 -8.11 -17.88
N LYS A 29 -0.55 -9.26 -18.38
CA LYS A 29 0.84 -9.58 -18.61
C LYS A 29 1.49 -8.59 -19.59
N MSE A 30 0.74 -8.18 -20.60
CA MSE A 30 1.26 -7.23 -21.59
C MSE A 30 1.33 -5.83 -21.08
O MSE A 30 2.00 -4.98 -21.68
CB MSE A 30 0.40 -7.31 -22.85
CG MSE A 30 0.71 -8.62 -23.56
SE MSE A 30 -0.22 -8.57 -25.28
CE MSE A 30 -2.06 -8.91 -24.67
N MSE A 31 0.67 -5.57 -19.95
CA MSE A 31 0.74 -4.25 -19.29
C MSE A 31 1.80 -4.20 -18.24
O MSE A 31 2.01 -3.18 -17.60
CB MSE A 31 -0.60 -3.95 -18.67
CG MSE A 31 -1.54 -3.57 -19.80
SE MSE A 31 -3.32 -3.46 -18.97
CE MSE A 31 -3.07 -1.61 -18.41
N ILE A 32 2.47 -5.33 -18.02
CA ILE A 32 3.58 -5.36 -17.10
C ILE A 32 4.80 -4.93 -17.89
N ARG A 33 5.28 -3.73 -17.59
CA ARG A 33 6.37 -3.13 -18.34
C ARG A 33 7.70 -3.67 -17.82
N GLU A 34 8.57 -4.07 -18.74
CA GLU A 34 9.88 -4.53 -18.36
C GLU A 34 10.88 -3.38 -18.54
N ILE A 35 11.63 -3.10 -17.48
CA ILE A 35 12.54 -1.97 -17.43
C ILE A 35 13.94 -2.54 -17.31
N PRO A 36 14.80 -2.28 -18.32
CA PRO A 36 16.16 -2.84 -18.20
C PRO A 36 16.99 -2.06 -17.18
N ASP A 37 17.94 -2.74 -16.56
CA ASP A 37 18.97 -2.10 -15.72
C ASP A 37 18.39 -1.35 -14.54
N PHE A 38 17.41 -1.95 -13.87
CA PHE A 38 16.87 -1.36 -12.68
C PHE A 38 16.59 -2.50 -11.72
N PRO A 39 16.99 -2.36 -10.44
CA PRO A 39 17.57 -1.15 -9.82
C PRO A 39 19.07 -1.05 -10.04
N LYS A 40 19.65 -2.05 -10.67
CA LYS A 40 21.04 -1.94 -11.15
C LYS A 40 21.24 -2.63 -12.50
N LYS A 41 22.38 -2.32 -13.11
CA LYS A 41 22.76 -2.90 -14.40
C LYS A 41 22.61 -4.40 -14.44
N GLY A 42 21.99 -4.90 -15.51
CA GLY A 42 21.89 -6.33 -15.72
C GLY A 42 20.69 -6.97 -15.05
N ILE A 43 19.89 -6.17 -14.36
CA ILE A 43 18.65 -6.64 -13.74
C ILE A 43 17.47 -6.10 -14.54
N LYS A 44 16.55 -6.99 -14.91
CA LYS A 44 15.33 -6.60 -15.63
C LYS A 44 14.18 -6.49 -14.65
N PHE A 45 13.59 -5.31 -14.53
CA PHE A 45 12.58 -5.06 -13.49
C PHE A 45 11.18 -5.18 -14.08
N LYS A 46 10.28 -5.85 -13.38
CA LYS A 46 8.88 -5.94 -13.84
C LYS A 46 8.07 -4.81 -13.19
N ASP A 47 7.66 -3.85 -14.01
CA ASP A 47 6.95 -2.65 -13.54
C ASP A 47 5.43 -2.92 -13.64
N ILE A 48 4.78 -3.12 -12.50
CA ILE A 48 3.32 -3.33 -12.49
C ILE A 48 2.46 -2.07 -12.37
N THR A 49 3.07 -0.88 -12.36
CA THR A 49 2.30 0.38 -12.30
C THR A 49 1.27 0.58 -13.45
N PRO A 50 1.57 0.13 -14.70
CA PRO A 50 0.49 0.26 -15.69
C PRO A 50 -0.75 -0.58 -15.34
N VAL A 51 -0.57 -1.72 -14.69
CA VAL A 51 -1.71 -2.54 -14.22
C VAL A 51 -2.51 -1.77 -13.18
N LEU A 52 -1.82 -1.21 -12.19
CA LEU A 52 -2.45 -0.42 -11.13
C LEU A 52 -3.25 0.78 -11.62
N LYS A 53 -2.74 1.51 -12.62
CA LYS A 53 -3.43 2.75 -13.03
C LYS A 53 -4.63 2.56 -13.96
N ASP A 54 -4.77 1.34 -14.50
CA ASP A 54 -5.87 0.95 -15.37
C ASP A 54 -6.97 0.36 -14.50
N ALA A 55 -8.11 1.05 -14.37
CA ALA A 55 -9.17 0.64 -13.43
C ALA A 55 -9.58 -0.83 -13.66
N LYS A 56 -9.81 -1.19 -14.92
CA LYS A 56 -10.26 -2.55 -15.20
C LYS A 56 -9.18 -3.61 -15.01
N ALA A 57 -7.93 -3.30 -15.39
CA ALA A 57 -6.82 -4.21 -15.14
C ALA A 57 -6.57 -4.44 -13.63
N PHE A 58 -6.66 -3.36 -12.85
CA PHE A 58 -6.41 -3.41 -11.41
C PHE A 58 -7.54 -4.22 -10.78
N ASN A 59 -8.76 -3.95 -11.21
CA ASN A 59 -9.93 -4.71 -10.70
C ASN A 59 -9.81 -6.20 -11.04
N TYR A 60 -9.48 -6.49 -12.29
CA TYR A 60 -9.27 -7.87 -12.73
C TYR A 60 -8.17 -8.61 -11.98
N SER A 61 -7.03 -7.93 -11.73
CA SER A 61 -5.94 -8.52 -10.98
CA SER A 61 -5.94 -8.53 -10.98
C SER A 61 -6.36 -8.93 -9.56
N ILE A 62 -7.03 -8.03 -8.86
CA ILE A 62 -7.53 -8.32 -7.53
C ILE A 62 -8.55 -9.48 -7.58
N GLU A 63 -9.44 -9.47 -8.56
CA GLU A 63 -10.45 -10.56 -8.64
C GLU A 63 -9.81 -11.92 -8.91
N MSE A 64 -8.75 -11.94 -9.72
CA MSE A 64 -8.05 -13.19 -10.05
C MSE A 64 -7.29 -13.73 -8.87
O MSE A 64 -7.20 -14.95 -8.68
CB MSE A 64 -7.14 -13.11 -11.26
CG MSE A 64 -7.92 -12.84 -12.54
SE MSE A 64 -8.86 -14.49 -13.13
CE MSE A 64 -10.60 -14.19 -12.25
N LEU A 65 -6.69 -12.83 -8.09
CA LEU A 65 -5.96 -13.20 -6.90
C LEU A 65 -6.94 -13.84 -5.92
N ALA A 66 -8.11 -13.21 -5.77
CA ALA A 66 -9.18 -13.77 -4.90
C ALA A 66 -9.69 -15.13 -5.42
N LYS A 67 -9.84 -15.27 -6.74
CA LYS A 67 -10.30 -16.51 -7.36
C LYS A 67 -9.29 -17.64 -7.11
N ALA A 68 -8.00 -17.31 -7.22
CA ALA A 68 -6.94 -18.28 -6.95
C ALA A 68 -6.91 -18.78 -5.49
N LEU A 69 -7.45 -17.99 -4.57
CA LEU A 69 -7.49 -18.35 -3.14
C LEU A 69 -8.80 -19.03 -2.73
N GLU A 70 -9.71 -19.20 -3.68
CA GLU A 70 -10.97 -19.87 -3.38
C GLU A 70 -10.70 -21.31 -2.91
N GLY A 71 -11.42 -21.77 -1.91
CA GLY A 71 -11.21 -23.13 -1.38
C GLY A 71 -10.10 -23.23 -0.35
N ARG A 72 -9.50 -22.08 -0.02
CA ARG A 72 -8.44 -22.03 1.00
C ARG A 72 -8.95 -21.39 2.29
N LYS A 73 -8.36 -21.81 3.42
CA LYS A 73 -8.78 -21.42 4.76
C LYS A 73 -7.77 -20.45 5.39
N PHE A 74 -8.20 -19.22 5.65
CA PHE A 74 -7.32 -18.20 6.26
C PHE A 74 -8.08 -17.07 6.90
N ASP A 75 -7.40 -16.38 7.82
CA ASP A 75 -7.98 -15.34 8.68
C ASP A 75 -7.49 -13.93 8.34
N LEU A 76 -6.26 -13.84 7.87
CA LEU A 76 -5.59 -12.56 7.66
C LEU A 76 -4.75 -12.63 6.40
N ILE A 77 -4.46 -11.46 5.86
CA ILE A 77 -3.50 -11.32 4.78
C ILE A 77 -2.31 -10.52 5.31
N ALA A 78 -1.10 -10.96 5.00
CA ALA A 78 0.09 -10.18 5.34
C ALA A 78 0.87 -9.85 4.07
N ALA A 79 1.49 -8.68 4.05
CA ALA A 79 2.28 -8.31 2.89
C ALA A 79 3.47 -7.47 3.31
N PRO A 80 4.65 -7.78 2.74
CA PRO A 80 5.85 -7.03 3.06
C PRO A 80 5.88 -5.73 2.26
N GLU A 81 6.33 -4.66 2.93
CA GLU A 81 6.27 -3.27 2.43
C GLU A 81 7.12 -3.08 1.19
N ALA A 82 6.78 -2.16 0.28
CA ALA A 82 5.50 -1.41 0.23
C ALA A 82 4.73 -1.87 -1.02
N ARG A 83 5.45 -2.41 -1.99
CA ARG A 83 4.85 -2.93 -3.21
C ARG A 83 3.87 -4.07 -2.89
N GLY A 84 4.13 -4.78 -1.79
CA GLY A 84 3.24 -5.83 -1.32
C GLY A 84 1.90 -5.29 -0.82
N PHE A 85 1.94 -4.06 -0.29
CA PHE A 85 0.70 -3.39 0.15
C PHE A 85 -0.27 -3.20 -1.01
N LEU A 86 0.30 -2.93 -2.19
CA LEU A 86 -0.50 -2.50 -3.33
C LEU A 86 -1.51 -3.54 -3.77
N PHE A 87 -1.19 -4.82 -3.53
CA PHE A 87 -2.12 -5.91 -3.82
C PHE A 87 -2.69 -6.53 -2.57
N GLY A 88 -1.85 -6.58 -1.54
CA GLY A 88 -2.24 -7.13 -0.22
C GLY A 88 -3.45 -6.45 0.39
N ALA A 89 -3.43 -5.12 0.47
CA ALA A 89 -4.54 -4.41 1.11
C ALA A 89 -5.86 -4.50 0.35
N PRO A 90 -5.87 -4.24 -0.97
CA PRO A 90 -7.11 -4.39 -1.71
C PRO A 90 -7.62 -5.82 -1.68
N LEU A 91 -6.70 -6.79 -1.67
CA LEU A 91 -7.11 -8.18 -1.67
C LEU A 91 -7.74 -8.52 -0.33
N ALA A 92 -7.15 -8.00 0.75
CA ALA A 92 -7.69 -8.22 2.10
C ALA A 92 -9.09 -7.62 2.18
N TYR A 93 -9.22 -6.40 1.65
CA TYR A 93 -10.54 -5.76 1.55
C TYR A 93 -11.55 -6.60 0.73
N ARG A 94 -11.12 -7.11 -0.42
CA ARG A 94 -11.99 -7.88 -1.28
C ARG A 94 -12.48 -9.18 -0.61
N LEU A 95 -11.62 -9.79 0.18
CA LEU A 95 -11.93 -11.08 0.79
C LEU A 95 -12.58 -10.99 2.16
N GLY A 96 -12.78 -9.77 2.65
CA GLY A 96 -13.38 -9.50 3.97
C GLY A 96 -12.56 -9.97 5.15
N VAL A 97 -11.24 -9.86 5.05
CA VAL A 97 -10.33 -10.22 6.14
C VAL A 97 -9.45 -9.03 6.56
N GLY A 98 -8.75 -9.18 7.67
CA GLY A 98 -7.81 -8.16 8.14
C GLY A 98 -6.50 -8.18 7.37
N PHE A 99 -5.73 -7.11 7.54
CA PHE A 99 -4.47 -6.98 6.85
C PHE A 99 -3.38 -6.62 7.84
N VAL A 100 -2.26 -7.30 7.73
CA VAL A 100 -1.08 -7.02 8.53
C VAL A 100 0.14 -6.63 7.66
N PRO A 101 0.69 -5.43 7.89
CA PRO A 101 1.91 -5.05 7.17
C PRO A 101 3.16 -5.63 7.83
N VAL A 102 4.06 -6.17 7.02
CA VAL A 102 5.38 -6.56 7.46
C VAL A 102 6.34 -5.50 6.94
N ARG A 103 7.17 -4.92 7.81
CA ARG A 103 7.90 -3.70 7.40
C ARG A 103 9.41 -3.66 7.64
N LYS A 104 10.09 -2.85 6.83
CA LYS A 104 11.50 -2.48 7.05
C LYS A 104 11.68 -1.92 8.46
N PRO A 105 12.84 -2.17 9.10
CA PRO A 105 13.04 -1.73 10.49
C PRO A 105 12.89 -0.22 10.67
N GLY A 106 12.29 0.19 11.79
CA GLY A 106 12.11 1.60 12.12
C GLY A 106 10.83 2.23 11.59
N LYS A 107 10.03 1.46 10.86
CA LYS A 107 8.79 1.97 10.29
C LYS A 107 7.58 1.74 11.21
N LEU A 108 7.56 0.59 11.88
CA LEU A 108 6.46 0.25 12.79
C LEU A 108 6.66 0.91 14.15
N PRO A 109 5.59 1.54 14.69
CA PRO A 109 5.68 2.34 15.92
C PRO A 109 5.69 1.54 17.23
N ALA A 110 4.91 0.47 17.31
CA ALA A 110 4.72 -0.29 18.55
C ALA A 110 5.80 -1.36 18.70
N GLU A 111 5.65 -2.20 19.73
CA GLU A 111 6.63 -3.27 19.95
C GLU A 111 6.65 -4.24 18.79
N THR A 112 7.85 -4.52 18.29
CA THR A 112 8.03 -5.41 17.14
C THR A 112 8.83 -6.66 17.51
N LEU A 113 8.59 -7.73 16.76
CA LEU A 113 9.56 -8.80 16.61
C LEU A 113 10.31 -8.59 15.28
N SER A 114 11.55 -9.06 15.24
CA SER A 114 12.42 -8.79 14.11
C SER A 114 12.95 -10.10 13.52
N TYR A 115 13.36 -10.07 12.24
CA TYR A 115 13.97 -11.24 11.60
C TYR A 115 15.01 -10.81 10.56
N GLU A 116 16.24 -11.30 10.74
CA GLU A 116 17.35 -11.01 9.82
C GLU A 116 17.54 -12.09 8.76
N TYR A 117 17.95 -11.67 7.56
CA TYR A 117 18.21 -12.55 6.43
C TYR A 117 19.25 -11.91 5.50
N GLU A 118 19.99 -12.75 4.77
CA GLU A 118 21.10 -12.31 3.92
C GLU A 118 20.64 -11.47 2.73
N THR A 123 23.04 -8.37 4.80
CA THR A 123 21.91 -8.66 5.66
C THR A 123 20.86 -7.55 5.59
N ASP A 124 19.61 -7.93 5.35
CA ASP A 124 18.50 -7.01 5.52
C ASP A 124 17.64 -7.52 6.67
N SER A 125 16.58 -6.79 7.00
CA SER A 125 15.72 -7.16 8.13
C SER A 125 14.26 -6.72 7.92
N LEU A 126 13.36 -7.50 8.49
CA LEU A 126 11.93 -7.17 8.48
C LEU A 126 11.35 -7.32 9.88
N GLU A 127 10.28 -6.58 10.14
CA GLU A 127 9.65 -6.48 11.46
C GLU A 127 8.14 -6.62 11.31
N ILE A 128 7.52 -7.05 12.39
CA ILE A 128 6.07 -7.20 12.46
C ILE A 128 5.67 -6.79 13.86
N HIS A 129 4.48 -6.23 14.01
CA HIS A 129 3.99 -5.88 15.34
C HIS A 129 3.83 -7.14 16.16
N LYS A 130 4.33 -7.09 17.39
CA LYS A 130 4.15 -8.15 18.39
C LYS A 130 2.72 -8.73 18.40
N ASP A 131 1.73 -7.85 18.34
CA ASP A 131 0.32 -8.27 18.43
C ASP A 131 -0.43 -8.40 17.09
N ALA A 132 0.31 -8.35 15.99
CA ALA A 132 -0.29 -8.40 14.64
C ALA A 132 -1.10 -9.68 14.42
N VAL A 133 -0.56 -10.80 14.90
CA VAL A 133 -1.11 -12.13 14.63
C VAL A 133 -1.32 -12.90 15.93
N LEU A 134 -2.52 -13.44 16.08
CA LEU A 134 -2.83 -14.28 17.21
C LEU A 134 -2.23 -15.64 16.97
N GLU A 135 -1.94 -16.34 18.05
CA GLU A 135 -1.48 -17.70 17.98
C GLU A 135 -2.58 -18.56 17.36
N GLY A 136 -2.23 -19.26 16.29
CA GLY A 136 -3.17 -20.15 15.63
C GLY A 136 -3.81 -19.59 14.39
N GLN A 137 -3.81 -18.26 14.26
CA GLN A 137 -4.34 -17.60 13.07
C GLN A 137 -3.64 -18.00 11.78
N ARG A 138 -4.44 -18.23 10.74
CA ARG A 138 -3.96 -18.68 9.45
C ARG A 138 -3.80 -17.46 8.55
N VAL A 139 -2.64 -17.33 7.93
CA VAL A 139 -2.31 -16.11 7.21
C VAL A 139 -1.95 -16.43 5.77
N VAL A 140 -2.49 -15.65 4.83
CA VAL A 140 -1.99 -15.69 3.46
C VAL A 140 -1.03 -14.50 3.25
N ILE A 141 0.16 -14.78 2.74
CA ILE A 141 1.15 -13.75 2.45
C ILE A 141 1.02 -13.39 0.96
N VAL A 142 0.90 -12.10 0.69
CA VAL A 142 0.70 -11.61 -0.67
C VAL A 142 1.89 -10.71 -1.06
N ASP A 143 2.42 -10.85 -2.27
CA ASP A 143 3.40 -9.89 -2.76
C ASP A 143 3.21 -9.75 -4.27
N ASP A 144 3.79 -8.72 -4.87
CA ASP A 144 3.61 -8.51 -6.29
C ASP A 144 4.37 -9.55 -7.12
N LEU A 145 5.59 -9.87 -6.71
CA LEU A 145 6.47 -10.69 -7.52
C LEU A 145 7.33 -11.60 -6.67
N LEU A 146 7.46 -12.85 -7.10
CA LEU A 146 8.35 -13.82 -6.47
C LEU A 146 9.67 -13.85 -7.25
N ALA A 147 10.75 -13.40 -6.61
CA ALA A 147 12.08 -13.49 -7.21
C ALA A 147 12.86 -14.59 -6.50
N THR A 148 13.84 -14.26 -5.68
CA THR A 148 14.63 -15.29 -4.96
C THR A 148 13.86 -15.89 -3.79
N GLY A 149 12.93 -15.12 -3.25
CA GLY A 149 12.09 -15.58 -2.14
C GLY A 149 12.55 -15.17 -0.75
N GLY A 150 13.69 -14.46 -0.66
CA GLY A 150 14.27 -14.06 0.63
C GLY A 150 13.35 -13.28 1.56
N THR A 151 12.80 -12.18 1.06
CA THR A 151 11.94 -11.31 1.86
C THR A 151 10.63 -12.00 2.26
N ILE A 152 10.12 -12.86 1.39
CA ILE A 152 8.93 -13.68 1.70
C ILE A 152 9.26 -14.75 2.74
N TYR A 153 10.43 -15.38 2.61
CA TYR A 153 10.89 -16.34 3.61
C TYR A 153 10.91 -15.67 4.98
N ALA A 154 11.49 -14.47 5.03
CA ALA A 154 11.57 -13.71 6.27
C ALA A 154 10.18 -13.40 6.81
N SER A 155 9.27 -13.03 5.90
CA SER A 155 7.89 -12.71 6.26
C SER A 155 7.16 -13.92 6.84
N ALA A 156 7.35 -15.08 6.23
CA ALA A 156 6.79 -16.32 6.76
C ALA A 156 7.34 -16.62 8.16
N LYS A 157 8.65 -16.50 8.33
CA LYS A 157 9.26 -16.73 9.66
C LYS A 157 8.74 -15.78 10.73
N LEU A 158 8.43 -14.54 10.35
CA LEU A 158 7.90 -13.55 11.31
C LEU A 158 6.48 -13.92 11.73
N VAL A 159 5.67 -14.34 10.75
CA VAL A 159 4.29 -14.77 11.03
C VAL A 159 4.30 -15.94 12.02
N GLU A 160 5.17 -16.91 11.75
CA GLU A 160 5.32 -18.09 12.62
C GLU A 160 5.92 -17.71 13.97
N SER A 161 6.74 -16.67 14.02
CA SER A 161 7.26 -16.19 15.32
C SER A 161 6.16 -15.79 16.30
N LEU A 162 5.03 -15.31 15.75
CA LEU A 162 3.87 -14.93 16.56
C LEU A 162 2.93 -16.10 16.79
N GLY A 163 3.23 -17.24 16.18
CA GLY A 163 2.39 -18.42 16.33
C GLY A 163 1.28 -18.45 15.29
N GLY A 164 1.40 -17.61 14.27
CA GLY A 164 0.51 -17.66 13.13
C GLY A 164 0.96 -18.79 12.22
N ILE A 165 0.05 -19.29 11.40
CA ILE A 165 0.36 -20.33 10.43
C ILE A 165 0.17 -19.81 9.00
N VAL A 166 1.20 -19.92 8.20
CA VAL A 166 1.14 -19.52 6.79
C VAL A 166 0.30 -20.52 5.98
N ASP A 167 -0.90 -20.11 5.58
CA ASP A 167 -1.75 -20.98 4.78
C ASP A 167 -1.16 -21.17 3.37
N SER A 168 -0.75 -20.05 2.79
CA SER A 168 -0.25 -20.03 1.41
C SER A 168 0.35 -18.68 1.12
N ILE A 169 1.07 -18.60 0.01
CA ILE A 169 1.77 -17.41 -0.40
C ILE A 169 1.38 -17.18 -1.87
N ILE A 170 0.95 -15.95 -2.19
CA ILE A 170 0.41 -15.67 -3.53
C ILE A 170 1.06 -14.43 -4.16
N PHE A 171 1.35 -14.54 -5.45
CA PHE A 171 1.98 -13.46 -6.16
C PHE A 171 1.19 -13.14 -7.41
N LEU A 172 1.21 -11.87 -7.82
CA LEU A 172 0.77 -11.57 -9.17
C LEU A 172 1.66 -12.28 -10.21
N THR A 173 2.97 -12.16 -10.03
CA THR A 173 3.95 -12.66 -10.98
C THR A 173 5.07 -13.43 -10.28
N GLU A 174 5.71 -14.32 -11.03
CA GLU A 174 6.79 -15.15 -10.53
C GLU A 174 7.87 -15.31 -11.60
N LEU A 175 9.11 -15.03 -11.24
CA LEU A 175 10.23 -15.25 -12.16
C LEU A 175 10.73 -16.66 -11.92
N THR A 176 10.32 -17.58 -12.79
CA THR A 176 10.58 -19.00 -12.55
C THR A 176 12.07 -19.36 -12.63
N PHE A 177 12.84 -18.57 -13.37
CA PHE A 177 14.28 -18.80 -13.48
C PHE A 177 15.07 -18.52 -12.20
N LEU A 178 14.41 -17.99 -11.16
CA LEU A 178 15.08 -17.61 -9.90
C LEU A 178 14.87 -18.51 -8.67
N ASP A 179 14.20 -19.66 -8.83
CA ASP A 179 14.13 -20.68 -7.76
C ASP A 179 13.48 -20.25 -6.44
N GLY A 180 12.60 -19.25 -6.50
CA GLY A 180 11.86 -18.80 -5.32
C GLY A 180 11.10 -19.94 -4.68
N ARG A 181 10.54 -20.82 -5.51
CA ARG A 181 9.79 -21.99 -4.99
C ARG A 181 10.65 -22.89 -4.12
N LYS A 182 11.90 -23.09 -4.53
CA LYS A 182 12.82 -23.92 -3.77
C LYS A 182 13.16 -23.31 -2.43
N LYS A 183 13.45 -22.01 -2.43
CA LYS A 183 13.70 -21.24 -1.21
C LYS A 183 12.52 -21.34 -0.25
N LEU A 184 11.31 -21.39 -0.81
CA LEU A 184 10.08 -21.47 -0.01
C LEU A 184 9.52 -22.89 0.10
N ASP A 185 10.42 -23.88 0.12
CA ASP A 185 10.03 -25.27 0.28
C ASP A 185 9.16 -25.44 1.53
N GLY A 186 8.08 -26.22 1.41
CA GLY A 186 7.19 -26.42 2.54
C GLY A 186 5.99 -25.49 2.57
N TYR A 187 5.96 -24.49 1.70
CA TYR A 187 4.80 -23.58 1.61
C TYR A 187 4.06 -23.78 0.29
N ASP A 188 2.73 -23.60 0.32
CA ASP A 188 1.92 -23.63 -0.89
CA ASP A 188 1.91 -23.62 -0.89
C ASP A 188 2.05 -22.28 -1.62
N ILE A 189 2.57 -22.34 -2.84
CA ILE A 189 2.87 -21.11 -3.59
C ILE A 189 1.94 -21.02 -4.79
N ILE A 190 1.25 -19.89 -4.89
CA ILE A 190 0.37 -19.62 -6.05
C ILE A 190 0.89 -18.38 -6.78
N SER A 191 0.93 -18.44 -8.11
CA SER A 191 1.17 -17.20 -8.87
C SER A 191 0.31 -17.14 -10.12
N LEU A 192 -0.07 -15.92 -10.52
CA LEU A 192 -1.00 -15.77 -11.62
C LEU A 192 -0.24 -15.81 -12.92
N ILE A 193 0.88 -15.13 -12.95
CA ILE A 193 1.66 -15.00 -14.17
C ILE A 193 3.07 -15.53 -13.98
N LYS A 194 3.44 -16.54 -14.74
CA LYS A 194 4.79 -17.07 -14.66
C LYS A 194 5.66 -16.63 -15.83
N PHE A 195 6.80 -16.04 -15.51
CA PHE A 195 7.80 -15.66 -16.50
C PHE A 195 8.92 -16.69 -16.54
N THR B 24 -19.50 4.36 15.52
CA THR B 24 -18.78 3.42 14.60
C THR B 24 -17.47 4.06 14.13
N LEU B 25 -17.53 5.29 13.62
CA LEU B 25 -16.31 6.08 13.40
C LEU B 25 -15.63 6.37 14.74
N GLU B 26 -16.44 6.69 15.74
CA GLU B 26 -16.00 6.78 17.14
C GLU B 26 -15.23 5.52 17.54
N GLU B 27 -15.77 4.36 17.17
CA GLU B 27 -15.15 3.07 17.47
C GLU B 27 -13.82 2.86 16.75
N ILE B 28 -13.74 3.28 15.48
CA ILE B 28 -12.48 3.32 14.71
C ILE B 28 -11.46 4.23 15.41
N LYS B 29 -11.92 5.39 15.85
CA LYS B 29 -11.08 6.36 16.53
C LYS B 29 -10.47 5.77 17.80
N MSE B 30 -11.29 5.03 18.55
CA MSE B 30 -10.86 4.43 19.83
C MSE B 30 -9.93 3.26 19.63
O MSE B 30 -9.27 2.83 20.57
CB MSE B 30 -12.09 4.00 20.60
CG MSE B 30 -12.64 5.20 21.36
SE MSE B 30 -14.36 4.75 22.19
CE MSE B 30 -14.42 6.24 23.49
N MSE B 31 -9.87 2.74 18.40
CA MSE B 31 -9.01 1.62 18.05
C MSE B 31 -7.66 2.06 17.55
O MSE B 31 -6.73 1.25 17.46
CB MSE B 31 -9.65 0.85 16.91
CG MSE B 31 -10.69 -0.13 17.41
SE MSE B 31 -11.26 -1.12 15.82
CE MSE B 31 -9.92 -2.57 16.00
N ILE B 32 -7.55 3.33 17.18
CA ILE B 32 -6.26 3.90 16.80
C ILE B 32 -5.40 4.02 18.05
N ARG B 33 -4.24 3.36 18.02
CA ARG B 33 -3.32 3.36 19.14
C ARG B 33 -2.40 4.59 19.06
N GLU B 34 -2.40 5.39 20.12
CA GLU B 34 -1.47 6.52 20.19
C GLU B 34 -0.15 6.06 20.80
N ILE B 35 0.95 6.36 20.11
CA ILE B 35 2.29 5.97 20.56
C ILE B 35 3.10 7.24 20.85
N PRO B 36 3.55 7.39 22.12
CA PRO B 36 4.33 8.56 22.49
C PRO B 36 5.72 8.57 21.82
N ASP B 37 6.11 9.74 21.32
CA ASP B 37 7.48 9.99 20.87
C ASP B 37 7.97 9.12 19.69
N PHE B 38 7.04 8.74 18.81
CA PHE B 38 7.40 8.08 17.56
C PHE B 38 6.99 8.94 16.37
N PRO B 39 7.91 9.14 15.39
CA PRO B 39 9.31 8.67 15.34
C PRO B 39 10.27 9.45 16.26
N LYS B 40 9.90 10.67 16.64
CA LYS B 40 10.74 11.50 17.51
C LYS B 40 9.96 12.18 18.65
N LYS B 41 10.69 12.56 19.71
CA LYS B 41 10.09 13.14 20.93
C LYS B 41 9.35 14.45 20.68
N GLY B 42 8.04 14.44 20.96
CA GLY B 42 7.18 15.59 20.68
C GLY B 42 6.04 15.23 19.75
N ILE B 43 6.16 14.06 19.10
CA ILE B 43 5.10 13.55 18.24
C ILE B 43 4.37 12.39 18.93
N LYS B 44 3.04 12.48 18.95
CA LYS B 44 2.22 11.37 19.36
C LYS B 44 1.68 10.68 18.10
N PHE B 45 2.25 9.52 17.80
CA PHE B 45 1.97 8.79 16.56
C PHE B 45 0.61 8.09 16.63
N LYS B 46 -0.17 8.25 15.56
CA LYS B 46 -1.45 7.55 15.41
C LYS B 46 -1.23 6.21 14.70
N ASP B 47 -1.17 5.14 15.48
CA ASP B 47 -0.92 3.82 14.91
C ASP B 47 -2.21 3.18 14.38
N ILE B 48 -2.25 3.02 13.06
CA ILE B 48 -3.45 2.56 12.33
C ILE B 48 -3.57 1.04 12.16
N THR B 49 -2.50 0.32 12.52
CA THR B 49 -2.46 -1.13 12.35
C THR B 49 -3.60 -1.91 13.05
N PRO B 50 -4.10 -1.44 14.22
CA PRO B 50 -5.24 -2.20 14.78
C PRO B 50 -6.51 -2.09 13.96
N VAL B 51 -6.67 -0.98 13.21
CA VAL B 51 -7.80 -0.86 12.29
C VAL B 51 -7.61 -1.86 11.14
N LEU B 52 -6.41 -1.86 10.56
CA LEU B 52 -6.08 -2.74 9.43
C LEU B 52 -6.28 -4.25 9.73
N LYS B 53 -5.86 -4.70 10.90
CA LYS B 53 -5.93 -6.14 11.20
C LYS B 53 -7.32 -6.63 11.56
N ASP B 54 -8.20 -5.70 11.92
CA ASP B 54 -9.59 -6.01 12.20
C ASP B 54 -10.37 -5.97 10.90
N ALA B 55 -10.85 -7.11 10.43
CA ALA B 55 -11.63 -7.18 9.16
C ALA B 55 -12.73 -6.12 9.02
N LYS B 56 -13.61 -6.04 10.02
CA LYS B 56 -14.76 -5.15 9.97
C LYS B 56 -14.39 -3.68 10.06
N ALA B 57 -13.39 -3.36 10.89
CA ALA B 57 -12.91 -1.98 11.04
C ALA B 57 -12.22 -1.50 9.76
N PHE B 58 -11.43 -2.37 9.14
CA PHE B 58 -10.80 -2.09 7.86
C PHE B 58 -11.88 -1.88 6.79
N ASN B 59 -12.83 -2.81 6.70
CA ASN B 59 -13.94 -2.66 5.76
C ASN B 59 -14.72 -1.35 5.93
N TYR B 60 -15.02 -1.00 7.17
CA TYR B 60 -15.79 0.21 7.46
C TYR B 60 -15.02 1.48 7.08
N SER B 61 -13.73 1.48 7.40
CA SER B 61 -12.88 2.63 7.09
CA SER B 61 -12.88 2.63 7.09
C SER B 61 -12.95 2.91 5.59
N ILE B 62 -12.73 1.89 4.76
CA ILE B 62 -12.82 2.01 3.26
C ILE B 62 -14.21 2.49 2.82
N GLU B 63 -15.25 1.91 3.42
CA GLU B 63 -16.62 2.31 3.10
C GLU B 63 -16.92 3.77 3.40
N MSE B 64 -16.40 4.29 4.52
CA MSE B 64 -16.67 5.67 4.92
C MSE B 64 -15.84 6.62 4.07
O MSE B 64 -16.28 7.75 3.81
CB MSE B 64 -16.31 5.95 6.38
CG MSE B 64 -17.28 5.36 7.39
SE MSE B 64 -19.07 6.16 7.24
CE MSE B 64 -19.97 4.59 6.44
N LEU B 65 -14.67 6.17 3.64
CA LEU B 65 -13.88 6.96 2.66
C LEU B 65 -14.63 7.11 1.34
N ALA B 66 -15.12 5.99 0.80
CA ALA B 66 -15.99 5.99 -0.40
C ALA B 66 -17.20 6.90 -0.24
N LYS B 67 -17.82 6.82 0.94
CA LYS B 67 -19.05 7.56 1.19
C LYS B 67 -18.79 9.07 1.18
N ALA B 68 -17.65 9.47 1.74
CA ALA B 68 -17.27 10.87 1.84
C ALA B 68 -16.95 11.44 0.45
N LEU B 69 -16.68 10.55 -0.51
CA LEU B 69 -16.45 10.96 -1.91
C LEU B 69 -17.66 10.94 -2.82
N GLU B 70 -18.84 10.54 -2.31
CA GLU B 70 -20.06 10.58 -3.12
C GLU B 70 -20.33 11.98 -3.64
N GLY B 71 -20.80 12.06 -4.87
CA GLY B 71 -21.10 13.33 -5.50
C GLY B 71 -19.90 13.98 -6.15
N ARG B 72 -18.73 13.33 -6.09
CA ARG B 72 -17.53 13.90 -6.72
C ARG B 72 -17.14 13.15 -7.98
N LYS B 73 -16.51 13.85 -8.92
CA LYS B 73 -16.14 13.27 -10.20
C LYS B 73 -14.64 13.08 -10.27
N PHE B 74 -14.20 11.86 -10.52
CA PHE B 74 -12.77 11.55 -10.59
C PHE B 74 -12.49 10.24 -11.31
N ASP B 75 -11.26 10.10 -11.79
CA ASP B 75 -10.83 8.95 -12.59
C ASP B 75 -9.81 8.03 -11.95
N LEU B 76 -9.04 8.56 -10.99
CA LEU B 76 -7.90 7.87 -10.38
C LEU B 76 -7.79 8.23 -8.92
N ILE B 77 -7.26 7.30 -8.13
CA ILE B 77 -6.76 7.65 -6.83
C ILE B 77 -5.22 7.63 -6.85
N ALA B 78 -4.60 8.65 -6.26
CA ALA B 78 -3.17 8.63 -6.02
C ALA B 78 -2.94 8.67 -4.51
N ALA B 79 -1.94 7.92 -4.03
CA ALA B 79 -1.50 8.02 -2.64
C ALA B 79 0.03 8.04 -2.50
N PRO B 80 0.57 8.83 -1.54
CA PRO B 80 2.02 8.77 -1.27
C PRO B 80 2.43 7.58 -0.38
N GLU B 81 3.59 7.00 -0.69
CA GLU B 81 4.18 5.87 0.05
C GLU B 81 4.40 6.19 1.53
N ALA B 82 4.26 5.23 2.45
CA ALA B 82 3.77 3.85 2.22
C ALA B 82 2.42 3.60 2.90
N ARG B 83 2.15 4.35 3.96
CA ARG B 83 0.89 4.23 4.69
C ARG B 83 -0.31 4.67 3.84
N GLY B 84 -0.05 5.61 2.91
CA GLY B 84 -1.05 6.01 1.93
C GLY B 84 -1.60 4.85 1.11
N PHE B 85 -0.72 3.92 0.73
CA PHE B 85 -1.09 2.79 -0.13
C PHE B 85 -2.17 1.97 0.54
N LEU B 86 -2.04 1.83 1.84
CA LEU B 86 -2.93 0.97 2.67
C LEU B 86 -4.41 1.34 2.64
N PHE B 87 -4.72 2.63 2.47
CA PHE B 87 -6.10 3.03 2.23
C PHE B 87 -6.36 3.41 0.77
N GLY B 88 -5.36 3.98 0.11
CA GLY B 88 -5.56 4.39 -1.26
C GLY B 88 -5.85 3.25 -2.24
N ALA B 89 -5.17 2.12 -2.09
CA ALA B 89 -5.28 1.08 -3.07
C ALA B 89 -6.61 0.34 -2.90
N PRO B 90 -6.97 -0.05 -1.67
CA PRO B 90 -8.32 -0.64 -1.54
C PRO B 90 -9.44 0.31 -1.94
N LEU B 91 -9.29 1.61 -1.67
CA LEU B 91 -10.34 2.56 -2.00
C LEU B 91 -10.50 2.70 -3.51
N ALA B 92 -9.38 2.67 -4.23
CA ALA B 92 -9.39 2.64 -5.69
C ALA B 92 -10.16 1.41 -6.17
N TYR B 93 -9.83 0.26 -5.59
CA TYR B 93 -10.52 -0.98 -5.93
C TYR B 93 -12.04 -0.84 -5.68
N ARG B 94 -12.41 -0.37 -4.49
CA ARG B 94 -13.81 -0.19 -4.07
C ARG B 94 -14.58 0.76 -5.00
N LEU B 95 -13.88 1.78 -5.52
CA LEU B 95 -14.53 2.76 -6.39
C LEU B 95 -14.46 2.47 -7.89
N GLY B 96 -13.79 1.38 -8.25
CA GLY B 96 -13.66 0.99 -9.64
C GLY B 96 -12.82 1.98 -10.42
N VAL B 97 -11.78 2.52 -9.78
CA VAL B 97 -10.87 3.45 -10.46
C VAL B 97 -9.43 2.93 -10.44
N GLY B 98 -8.55 3.58 -11.20
CA GLY B 98 -7.17 3.20 -11.14
C GLY B 98 -6.42 3.75 -9.94
N PHE B 99 -5.20 3.24 -9.74
CA PHE B 99 -4.40 3.64 -8.60
C PHE B 99 -2.99 4.04 -9.04
N VAL B 100 -2.53 5.15 -8.52
CA VAL B 100 -1.17 5.63 -8.78
C VAL B 100 -0.35 5.85 -7.52
N PRO B 101 0.81 5.19 -7.44
CA PRO B 101 1.61 5.37 -6.24
C PRO B 101 2.53 6.57 -6.39
N VAL B 102 2.54 7.39 -5.35
CA VAL B 102 3.52 8.47 -5.25
C VAL B 102 4.60 8.01 -4.27
N ARG B 103 5.87 8.06 -4.73
CA ARG B 103 6.89 7.29 -4.04
C ARG B 103 8.13 8.08 -3.68
N LYS B 104 8.83 7.57 -2.68
CA LYS B 104 10.12 8.12 -2.28
C LYS B 104 11.16 7.86 -3.36
N PRO B 105 12.20 8.72 -3.44
CA PRO B 105 13.21 8.57 -4.50
C PRO B 105 13.81 7.17 -4.57
N GLY B 106 14.07 6.72 -5.79
CA GLY B 106 14.72 5.44 -6.04
C GLY B 106 13.80 4.24 -6.19
N LYS B 107 12.52 4.40 -5.85
CA LYS B 107 11.60 3.25 -5.84
C LYS B 107 10.99 2.97 -7.20
N LEU B 108 10.66 4.03 -7.94
CA LEU B 108 10.02 3.87 -9.24
C LEU B 108 11.05 3.61 -10.36
N PRO B 109 10.78 2.59 -11.19
CA PRO B 109 11.73 2.13 -12.20
C PRO B 109 11.74 2.93 -13.51
N ALA B 110 10.60 3.49 -13.93
CA ALA B 110 10.55 4.13 -15.25
C ALA B 110 10.82 5.60 -15.08
N GLU B 111 10.68 6.38 -16.16
CA GLU B 111 10.92 7.81 -16.09
C GLU B 111 9.96 8.47 -15.10
N THR B 112 10.50 9.34 -14.25
CA THR B 112 9.73 9.96 -13.17
C THR B 112 9.79 11.46 -13.25
N LEU B 113 8.82 12.11 -12.60
CA LEU B 113 8.94 13.50 -12.26
C LEU B 113 9.14 13.55 -10.75
N SER B 114 9.84 14.58 -10.28
CA SER B 114 10.16 14.72 -8.86
C SER B 114 9.71 16.09 -8.32
N TYR B 115 9.32 16.15 -7.06
CA TYR B 115 8.88 17.40 -6.47
C TYR B 115 9.32 17.52 -5.01
N GLU B 116 9.87 18.68 -4.66
CA GLU B 116 10.38 18.94 -3.31
C GLU B 116 9.32 19.46 -2.35
N TYR B 117 9.34 18.99 -1.11
CA TYR B 117 8.48 19.54 -0.08
C TYR B 117 9.27 19.81 1.22
N GLU B 118 8.63 20.52 2.14
CA GLU B 118 9.25 20.96 3.38
C GLU B 118 9.16 19.91 4.46
N LEU B 119 10.28 19.71 5.15
CA LEU B 119 10.30 19.00 6.43
C LEU B 119 10.53 20.05 7.51
N GLU B 120 10.42 19.64 8.77
CA GLU B 120 10.63 20.58 9.90
C GLU B 120 11.91 21.43 9.76
N TYR B 121 13.03 20.80 9.39
CA TYR B 121 14.33 21.49 9.27
C TYR B 121 15.08 21.20 7.97
N GLY B 122 14.34 20.88 6.92
CA GLY B 122 14.94 20.50 5.64
C GLY B 122 13.92 20.29 4.54
N THR B 123 14.32 19.56 3.50
CA THR B 123 13.48 19.27 2.36
C THR B 123 13.64 17.80 2.01
N ASP B 124 12.64 17.25 1.32
CA ASP B 124 12.73 15.92 0.76
C ASP B 124 12.00 15.95 -0.56
N SER B 125 11.98 14.82 -1.26
CA SER B 125 11.31 14.75 -2.53
C SER B 125 10.36 13.55 -2.64
N LEU B 126 9.42 13.66 -3.56
CA LEU B 126 8.58 12.53 -3.98
C LEU B 126 8.58 12.47 -5.49
N GLU B 127 8.30 11.29 -6.03
CA GLU B 127 8.35 11.02 -7.45
C GLU B 127 7.06 10.35 -7.91
N ILE B 128 6.77 10.52 -9.18
CA ILE B 128 5.66 9.89 -9.86
C ILE B 128 6.21 9.47 -11.23
N HIS B 129 5.69 8.38 -11.77
CA HIS B 129 5.97 8.03 -13.15
C HIS B 129 5.41 9.09 -14.10
N LYS B 130 6.20 9.44 -15.12
CA LYS B 130 5.74 10.40 -16.13
C LYS B 130 4.45 10.00 -16.83
N ASP B 131 4.20 8.70 -16.98
CA ASP B 131 2.96 8.23 -17.57
C ASP B 131 1.83 7.90 -16.58
N ALA B 132 1.99 8.25 -15.29
CA ALA B 132 0.99 7.86 -14.25
C ALA B 132 -0.38 8.51 -14.41
N VAL B 133 -0.41 9.78 -14.82
CA VAL B 133 -1.63 10.54 -14.96
C VAL B 133 -1.60 11.15 -16.35
N LEU B 134 -2.74 11.09 -17.05
CA LEU B 134 -2.87 11.66 -18.39
C LEU B 134 -3.54 13.02 -18.26
N GLU B 135 -3.28 13.91 -19.22
CA GLU B 135 -3.90 15.22 -19.22
C GLU B 135 -5.42 15.07 -19.22
N GLY B 136 -6.07 15.79 -18.32
CA GLY B 136 -7.52 15.76 -18.25
C GLY B 136 -8.03 14.83 -17.16
N GLN B 137 -7.21 13.89 -16.71
CA GLN B 137 -7.67 12.97 -15.64
C GLN B 137 -7.82 13.69 -14.32
N ARG B 138 -8.95 13.42 -13.67
CA ARG B 138 -9.29 13.97 -12.36
C ARG B 138 -8.82 12.95 -11.30
N VAL B 139 -8.09 13.44 -10.30
CA VAL B 139 -7.44 12.58 -9.30
C VAL B 139 -7.91 12.90 -7.88
N VAL B 140 -8.19 11.84 -7.12
CA VAL B 140 -8.40 12.02 -5.69
C VAL B 140 -7.13 11.53 -5.00
N ILE B 141 -6.50 12.42 -4.23
CA ILE B 141 -5.36 12.02 -3.44
C ILE B 141 -5.78 11.54 -2.06
N VAL B 142 -5.27 10.37 -1.68
CA VAL B 142 -5.64 9.73 -0.40
C VAL B 142 -4.41 9.58 0.49
N ASP B 143 -4.56 9.76 1.81
CA ASP B 143 -3.49 9.39 2.72
C ASP B 143 -4.09 9.00 4.06
N ASP B 144 -3.28 8.40 4.92
CA ASP B 144 -3.80 8.01 6.24
C ASP B 144 -4.00 9.22 7.16
N LEU B 145 -3.06 10.16 7.14
CA LEU B 145 -3.13 11.27 8.09
C LEU B 145 -2.64 12.56 7.54
N LEU B 146 -3.43 13.62 7.72
CA LEU B 146 -3.00 14.98 7.42
C LEU B 146 -2.29 15.63 8.63
N ALA B 147 -0.99 15.81 8.51
CA ALA B 147 -0.22 16.56 9.50
C ALA B 147 0.10 17.92 8.92
N THR B 148 1.36 18.14 8.53
CA THR B 148 1.74 19.45 7.97
C THR B 148 1.27 19.62 6.53
N GLY B 149 1.12 18.50 5.83
CA GLY B 149 0.61 18.51 4.47
C GLY B 149 1.66 18.61 3.38
N GLY B 150 2.95 18.63 3.77
CA GLY B 150 4.08 18.67 2.81
C GLY B 150 4.06 17.59 1.75
N THR B 151 3.95 16.32 2.17
CA THR B 151 3.93 15.19 1.22
C THR B 151 2.73 15.26 0.29
N ILE B 152 1.61 15.74 0.81
CA ILE B 152 0.41 15.88 0.02
C ILE B 152 0.52 17.03 -0.97
N TYR B 153 1.07 18.15 -0.52
CA TYR B 153 1.30 19.29 -1.40
C TYR B 153 2.15 18.86 -2.62
N ALA B 154 3.29 18.22 -2.37
CA ALA B 154 4.14 17.65 -3.42
C ALA B 154 3.39 16.69 -4.35
N SER B 155 2.58 15.80 -3.78
CA SER B 155 1.74 14.89 -4.57
C SER B 155 0.79 15.66 -5.50
N ALA B 156 0.17 16.71 -4.96
CA ALA B 156 -0.80 17.50 -5.68
C ALA B 156 -0.09 18.13 -6.87
N LYS B 157 1.11 18.64 -6.63
CA LYS B 157 1.88 19.32 -7.66
C LYS B 157 2.41 18.39 -8.72
N LEU B 158 2.71 17.16 -8.33
CA LEU B 158 3.13 16.12 -9.24
C LEU B 158 2.01 15.74 -10.19
N VAL B 159 0.82 15.53 -9.62
CA VAL B 159 -0.36 15.32 -10.45
C VAL B 159 -0.62 16.45 -11.45
N GLU B 160 -0.54 17.70 -10.98
CA GLU B 160 -0.80 18.84 -11.88
C GLU B 160 0.26 18.97 -12.99
N SER B 161 1.51 18.63 -12.69
CA SER B 161 2.61 18.71 -13.67
CA SER B 161 2.62 18.69 -13.66
C SER B 161 2.37 17.78 -14.86
N LEU B 162 1.62 16.70 -14.63
CA LEU B 162 1.23 15.78 -15.70
C LEU B 162 -0.05 16.18 -16.46
N GLY B 163 -0.70 17.25 -16.05
CA GLY B 163 -1.93 17.69 -16.70
C GLY B 163 -3.15 17.16 -15.98
N GLY B 164 -2.91 16.47 -14.87
CA GLY B 164 -3.99 15.99 -14.04
C GLY B 164 -4.59 17.13 -13.26
N ILE B 165 -5.83 16.96 -12.82
CA ILE B 165 -6.52 17.90 -11.95
C ILE B 165 -6.82 17.14 -10.67
N VAL B 166 -6.52 17.76 -9.53
CA VAL B 166 -6.79 17.22 -8.19
C VAL B 166 -8.26 17.52 -7.87
N ASP B 167 -9.11 16.51 -7.92
CA ASP B 167 -10.49 16.76 -7.55
C ASP B 167 -10.59 17.14 -6.07
N SER B 168 -9.98 16.33 -5.22
CA SER B 168 -10.08 16.48 -3.78
C SER B 168 -9.00 15.65 -3.09
N ILE B 169 -8.83 15.89 -1.80
CA ILE B 169 -7.85 15.21 -1.00
C ILE B 169 -8.57 14.66 0.25
N ILE B 170 -8.47 13.36 0.46
CA ILE B 170 -9.11 12.70 1.61
C ILE B 170 -8.15 11.95 2.51
N PHE B 171 -8.43 12.02 3.82
CA PHE B 171 -7.60 11.43 4.82
C PHE B 171 -8.49 10.66 5.77
N LEU B 172 -7.97 9.55 6.29
CA LEU B 172 -8.65 8.92 7.44
C LEU B 172 -8.65 9.86 8.65
N THR B 173 -7.49 10.44 8.96
CA THR B 173 -7.35 11.29 10.16
C THR B 173 -6.67 12.63 9.85
N GLU B 174 -6.96 13.64 10.65
CA GLU B 174 -6.38 14.97 10.46
C GLU B 174 -5.93 15.55 11.80
N LEU B 175 -4.71 16.09 11.85
CA LEU B 175 -4.23 16.74 13.04
C LEU B 175 -4.50 18.23 12.94
N THR B 176 -5.64 18.66 13.49
CA THR B 176 -6.14 20.02 13.28
C THR B 176 -5.29 21.10 13.94
N PHE B 177 -4.30 20.69 14.73
CA PHE B 177 -3.37 21.66 15.31
C PHE B 177 -2.18 22.00 14.42
N LEU B 178 -2.07 21.35 13.26
CA LEU B 178 -0.89 21.51 12.40
C LEU B 178 -1.04 22.28 11.07
N ASP B 179 -2.21 22.90 10.85
CA ASP B 179 -2.41 23.79 9.67
C ASP B 179 -2.19 23.14 8.29
N GLY B 180 -2.49 21.85 8.20
CA GLY B 180 -2.43 21.13 6.92
C GLY B 180 -3.34 21.77 5.90
N ARG B 181 -4.55 22.13 6.34
CA ARG B 181 -5.51 22.80 5.45
C ARG B 181 -4.94 24.09 4.83
N LYS B 182 -4.17 24.84 5.61
CA LYS B 182 -3.62 26.10 5.16
C LYS B 182 -2.60 25.85 4.05
N LYS B 183 -1.71 24.90 4.28
CA LYS B 183 -0.70 24.47 3.30
C LYS B 183 -1.37 24.06 2.00
N LEU B 184 -2.51 23.39 2.14
CA LEU B 184 -3.23 22.87 0.99
C LEU B 184 -4.35 23.82 0.49
N ASP B 185 -4.10 25.12 0.56
CA ASP B 185 -5.09 26.11 0.13
C ASP B 185 -5.44 25.95 -1.34
N GLY B 186 -6.72 26.14 -1.66
CA GLY B 186 -7.20 25.89 -3.01
C GLY B 186 -7.64 24.45 -3.32
N TYR B 187 -7.41 23.49 -2.41
CA TYR B 187 -7.90 22.12 -2.63
C TYR B 187 -9.07 21.78 -1.72
N ASP B 188 -9.97 20.92 -2.20
CA ASP B 188 -11.07 20.40 -1.37
CA ASP B 188 -11.06 20.43 -1.37
C ASP B 188 -10.50 19.31 -0.49
N ILE B 189 -10.57 19.52 0.83
CA ILE B 189 -9.95 18.59 1.78
C ILE B 189 -11.05 17.97 2.64
N ILE B 190 -11.02 16.65 2.74
CA ILE B 190 -12.01 15.87 3.50
C ILE B 190 -11.23 15.01 4.46
N SER B 191 -11.65 14.94 5.72
CA SER B 191 -11.08 13.97 6.64
C SER B 191 -12.19 13.38 7.48
N LEU B 192 -12.02 12.11 7.84
CA LEU B 192 -13.04 11.38 8.57
C LEU B 192 -12.97 11.66 10.06
N ILE B 193 -11.76 11.64 10.61
CA ILE B 193 -11.54 11.80 12.04
C ILE B 193 -10.60 12.98 12.28
N LYS B 194 -11.11 14.02 12.93
CA LYS B 194 -10.32 15.20 13.22
C LYS B 194 -9.84 15.23 14.68
N PHE B 195 -8.53 15.24 14.87
CA PHE B 195 -7.92 15.40 16.19
C PHE B 195 -7.57 16.87 16.41
CL CL C . -0.12 -21.50 -9.41
#